data_9JRU
#
_entry.id   9JRU
#
_cell.length_a   47.060
_cell.length_b   48.970
_cell.length_c   83.418
_cell.angle_alpha   74.52
_cell.angle_beta   86.40
_cell.angle_gamma   69.96
#
_symmetry.space_group_name_H-M   'P 1'
#
loop_
_entity.id
_entity.type
_entity.pdbx_description
1 polymer 'Aldo-keto reductase family 1 member C3'
2 non-polymer 'NADP NICOTINAMIDE-ADENINE-DINUCLEOTIDE PHOSPHATE'
3 non-polymer '5-[[[(3~{S})-6-ethoxy-3,4-dihydro-2~{H}-chromen-3-yl]carbonyl-methyl-amino]methyl]-2-methyl-furan-3-carboxylic acid'
4 water water
#
_entity_poly.entity_id   1
_entity_poly.type   'polypeptide(L)'
_entity_poly.pdbx_seq_one_letter_code
;HQCVKLNDGHFMPVLGFGTYAPPEVPRSKALEVTKLAIEAGFRHIDSAHLYNNEEQVGLAIRSKIADGSVKREDIFYTSK
LWSTFHRPELVRPALENSLKKAQLDYVDLYLIHSPMSLKPGEELSPTDENGKVIFDIVDLCTTWEAMEKCKDAGLAKSIG
VSNFNRRQLEMILNKPGLKYKPVCNQVECHPYFNRSKLLDFCKSKDIVLVAYSALGSQRDKRWVDPNSPVLLEDPVLCAL
AKKHKRTPALIALRYQLQRGVVVLAKSYNEQRIRQNVQVFEFQLTAEDMKAIDGLDRNLHYFNSDSFASHPNYPYSDEY
;
_entity_poly.pdbx_strand_id   A,B
#
# COMPACT_ATOMS: atom_id res chain seq x y z
N HIS A 1 -10.20 28.99 15.96
CA HIS A 1 -11.11 27.94 15.51
C HIS A 1 -11.71 28.27 14.15
N GLN A 2 -12.21 27.24 13.46
CA GLN A 2 -12.76 27.38 12.11
C GLN A 2 -13.80 26.31 11.87
N CYS A 3 -14.70 26.57 10.92
CA CYS A 3 -15.68 25.61 10.42
C CYS A 3 -15.51 25.45 8.92
N VAL A 4 -16.12 24.38 8.40
CA VAL A 4 -16.28 24.17 6.97
C VAL A 4 -17.77 24.16 6.66
N LYS A 5 -18.15 24.80 5.56
CA LYS A 5 -19.53 24.78 5.10
C LYS A 5 -19.80 23.45 4.42
N LEU A 6 -20.83 22.74 4.89
CA LEU A 6 -21.22 21.45 4.32
C LEU A 6 -22.09 21.69 3.09
N ASN A 7 -22.25 20.63 2.29
CA ASN A 7 -23.03 20.79 1.05
C ASN A 7 -24.53 20.93 1.30
N ASP A 8 -24.99 20.96 2.55
CA ASP A 8 -26.38 21.28 2.87
C ASP A 8 -26.53 22.63 3.55
N GLY A 9 -25.47 23.45 3.56
CA GLY A 9 -25.52 24.78 4.10
C GLY A 9 -25.16 24.89 5.58
N HIS A 10 -25.15 23.78 6.30
CA HIS A 10 -24.75 23.78 7.70
C HIS A 10 -23.23 23.85 7.81
N PHE A 11 -22.76 24.13 9.03
CA PHE A 11 -21.34 24.34 9.27
C PHE A 11 -20.83 23.31 10.28
N MET A 12 -19.65 22.77 10.01
CA MET A 12 -19.04 21.78 10.88
C MET A 12 -17.68 22.29 11.38
N PRO A 13 -17.46 22.32 12.70
CA PRO A 13 -16.12 22.72 13.19
C PRO A 13 -15.06 21.74 12.71
N VAL A 14 -13.89 22.26 12.34
CA VAL A 14 -12.90 21.43 11.66
C VAL A 14 -12.09 20.57 12.62
N LEU A 15 -12.20 20.81 13.92
CA LEU A 15 -11.59 19.97 14.94
C LEU A 15 -12.69 19.37 15.80
N GLY A 16 -12.69 18.04 15.93
CA GLY A 16 -13.71 17.34 16.68
C GLY A 16 -13.12 16.49 17.79
N PHE A 17 -13.91 16.32 18.85
CA PHE A 17 -13.50 15.55 20.02
C PHE A 17 -14.01 14.12 19.86
N GLY A 18 -13.09 13.16 19.87
CA GLY A 18 -13.49 11.75 19.81
C GLY A 18 -13.82 11.20 21.21
N THR A 19 -14.94 10.48 21.32
CA THR A 19 -15.37 10.09 22.65
C THR A 19 -15.29 8.60 22.93
N TYR A 20 -14.86 7.77 21.98
CA TYR A 20 -14.83 6.34 22.24
C TYR A 20 -13.82 6.02 23.34
N ALA A 21 -14.25 5.21 24.30
CA ALA A 21 -13.39 4.56 25.26
C ALA A 21 -13.83 3.11 25.39
N PRO A 22 -12.88 2.20 25.62
CA PRO A 22 -13.23 0.77 25.71
C PRO A 22 -14.11 0.49 26.91
N PRO A 23 -14.83 -0.63 26.91
CA PRO A 23 -15.82 -0.88 27.98
C PRO A 23 -15.21 -0.98 29.37
N GLU A 24 -13.90 -1.18 29.51
CA GLU A 24 -13.30 -1.19 30.83
C GLU A 24 -13.27 0.20 31.46
N VAL A 25 -13.36 1.24 30.66
CA VAL A 25 -13.31 2.61 31.18
C VAL A 25 -14.68 2.97 31.75
N PRO A 26 -14.76 3.44 32.99
CA PRO A 26 -16.06 3.79 33.57
C PRO A 26 -16.76 4.87 32.76
N ARG A 27 -18.09 4.73 32.64
CA ARG A 27 -18.86 5.70 31.85
C ARG A 27 -18.80 7.10 32.44
N SER A 28 -18.53 7.21 33.73
CA SER A 28 -18.35 8.54 34.32
C SER A 28 -17.21 9.30 33.67
N LYS A 29 -16.22 8.59 33.12
CA LYS A 29 -15.10 9.29 32.49
C LYS A 29 -15.55 10.05 31.25
N ALA A 30 -16.40 9.45 30.41
CA ALA A 30 -16.87 10.16 29.22
C ALA A 30 -17.57 11.47 29.60
N LEU A 31 -18.31 11.45 30.70
CA LEU A 31 -18.94 12.67 31.20
C LEU A 31 -17.90 13.72 31.55
N GLU A 32 -16.91 13.32 32.35
CA GLU A 32 -15.87 14.25 32.80
C GLU A 32 -15.07 14.81 31.63
N VAL A 33 -14.62 13.95 30.72
CA VAL A 33 -13.72 14.45 29.68
C VAL A 33 -14.45 15.26 28.61
N THR A 34 -15.74 14.97 28.36
CA THR A 34 -16.46 15.80 27.41
C THR A 34 -16.62 17.22 27.95
N LYS A 35 -16.87 17.37 29.25
CA LYS A 35 -16.88 18.71 29.84
C LYS A 35 -15.53 19.39 29.68
N LEU A 36 -14.44 18.66 29.95
CA LEU A 36 -13.09 19.23 29.78
C LEU A 36 -12.85 19.64 28.32
N ALA A 37 -13.29 18.81 27.37
CA ALA A 37 -13.13 19.14 25.95
C ALA A 37 -13.86 20.44 25.61
N ILE A 38 -15.08 20.61 26.12
CA ILE A 38 -15.82 21.85 25.84
C ILE A 38 -15.12 23.03 26.52
N GLU A 39 -14.64 22.84 27.76
CA GLU A 39 -13.89 23.90 28.44
C GLU A 39 -12.60 24.25 27.68
N ALA A 40 -11.97 23.26 27.05
CA ALA A 40 -10.77 23.53 26.28
C ALA A 40 -11.07 24.26 24.97
N GLY A 41 -12.30 24.18 24.47
CA GLY A 41 -12.67 24.87 23.24
C GLY A 41 -13.18 23.97 22.13
N PHE A 42 -13.28 22.66 22.34
CA PHE A 42 -13.92 21.81 21.35
C PHE A 42 -15.39 22.18 21.24
N ARG A 43 -15.89 22.25 20.02
CA ARG A 43 -17.30 22.47 19.77
C ARG A 43 -17.94 21.36 18.97
N HIS A 44 -17.15 20.43 18.46
CA HIS A 44 -17.60 19.31 17.65
C HIS A 44 -17.34 18.07 18.48
N ILE A 45 -18.39 17.30 18.76
CA ILE A 45 -18.30 16.12 19.62
C ILE A 45 -18.82 14.91 18.86
N ASP A 46 -17.99 13.86 18.77
CA ASP A 46 -18.29 12.66 17.97
C ASP A 46 -18.64 11.49 18.87
N SER A 47 -19.90 11.06 18.82
CA SER A 47 -20.34 9.87 19.55
C SER A 47 -21.04 8.90 18.61
N ALA A 48 -21.67 7.87 19.17
CA ALA A 48 -22.32 6.82 18.37
C ALA A 48 -23.05 5.88 19.31
N HIS A 49 -24.10 5.23 18.79
CA HIS A 49 -24.78 4.21 19.59
C HIS A 49 -23.79 3.15 20.09
N LEU A 50 -22.82 2.78 19.24
CA LEU A 50 -21.89 1.72 19.58
C LEU A 50 -21.11 2.04 20.85
N TYR A 51 -20.87 3.32 21.13
CA TYR A 51 -19.91 3.71 22.16
C TYR A 51 -20.47 3.57 23.56
N ASN A 52 -21.77 3.34 23.70
CA ASN A 52 -22.41 3.22 25.01
C ASN A 52 -22.03 4.39 25.90
N ASN A 53 -22.09 5.59 25.33
CA ASN A 53 -21.76 6.79 26.10
C ASN A 53 -22.62 7.98 25.73
N GLU A 54 -23.63 7.84 24.89
CA GLU A 54 -24.41 9.02 24.50
C GLU A 54 -25.11 9.64 25.70
N GLU A 55 -25.49 8.83 26.68
CA GLU A 55 -26.08 9.39 27.89
C GLU A 55 -25.12 10.35 28.58
N GLN A 56 -23.85 9.97 28.66
CA GLN A 56 -22.88 10.77 29.39
C GLN A 56 -22.43 11.98 28.57
N VAL A 57 -22.20 11.78 27.26
CA VAL A 57 -21.83 12.89 26.40
C VAL A 57 -22.94 13.94 26.36
N GLY A 58 -24.20 13.48 26.27
CA GLY A 58 -25.33 14.41 26.34
C GLY A 58 -25.41 15.16 27.67
N LEU A 59 -25.15 14.46 28.77
CA LEU A 59 -25.17 15.12 30.07
C LEU A 59 -24.09 16.19 30.16
N ALA A 60 -22.90 15.89 29.60
CA ALA A 60 -21.82 16.86 29.59
C ALA A 60 -22.22 18.10 28.80
N ILE A 61 -22.86 17.91 27.64
CA ILE A 61 -23.33 19.04 26.86
C ILE A 61 -24.38 19.82 27.63
N ARG A 62 -25.35 19.11 28.21
CA ARG A 62 -26.38 19.77 29.03
C ARG A 62 -25.74 20.57 30.16
N SER A 63 -24.74 20.00 30.81
CA SER A 63 -24.14 20.67 31.96
C SER A 63 -23.45 21.95 31.54
N LYS A 64 -22.76 21.94 30.38
CA LYS A 64 -22.08 23.15 29.92
C LYS A 64 -23.05 24.19 29.36
N ILE A 65 -24.22 23.76 28.90
CA ILE A 65 -25.23 24.75 28.52
C ILE A 65 -25.78 25.43 29.77
N ALA A 66 -26.03 24.66 30.83
CA ALA A 66 -26.58 25.22 32.06
C ALA A 66 -25.58 26.12 32.77
N ASP A 67 -24.29 25.88 32.57
CA ASP A 67 -23.20 26.73 33.05
C ASP A 67 -23.19 28.10 32.39
N GLY A 68 -23.90 28.27 31.28
CA GLY A 68 -23.71 29.43 30.45
C GLY A 68 -22.44 29.40 29.62
N SER A 69 -21.71 28.28 29.64
CA SER A 69 -20.46 28.19 28.92
C SER A 69 -20.69 28.20 27.42
N VAL A 70 -21.72 27.48 26.95
CA VAL A 70 -22.09 27.40 25.55
C VAL A 70 -23.60 27.39 25.47
N LYS A 71 -24.11 27.66 24.28
CA LYS A 71 -25.49 27.40 23.89
C LYS A 71 -25.54 26.14 23.04
N ARG A 72 -26.72 25.52 22.98
CA ARG A 72 -26.90 24.31 22.16
C ARG A 72 -26.47 24.56 20.73
N GLU A 73 -26.78 25.74 20.19
CA GLU A 73 -26.43 26.03 18.81
C GLU A 73 -24.93 26.19 18.60
N ASP A 74 -24.14 26.29 19.68
CA ASP A 74 -22.69 26.35 19.54
C ASP A 74 -22.04 24.98 19.47
N ILE A 75 -22.77 23.91 19.74
CA ILE A 75 -22.21 22.55 19.84
C ILE A 75 -22.62 21.78 18.60
N PHE A 76 -21.66 21.11 17.98
CA PHE A 76 -21.91 20.25 16.84
C PHE A 76 -21.80 18.81 17.34
N TYR A 77 -22.94 18.13 17.46
CA TYR A 77 -22.96 16.80 18.05
C TYR A 77 -23.27 15.78 16.97
N THR A 78 -22.40 14.77 16.84
CA THR A 78 -22.58 13.69 15.89
C THR A 78 -22.93 12.40 16.62
N SER A 79 -23.91 11.69 16.10
CA SER A 79 -24.14 10.29 16.47
C SER A 79 -24.14 9.44 15.21
N LYS A 80 -24.22 8.13 15.41
CA LYS A 80 -24.10 7.18 14.30
C LYS A 80 -25.08 6.03 14.46
N LEU A 81 -25.67 5.66 13.33
CA LEU A 81 -26.57 4.51 13.23
C LEU A 81 -25.77 3.21 13.21
N TRP A 82 -26.01 2.34 14.18
CA TRP A 82 -25.23 1.11 14.20
C TRP A 82 -25.77 0.12 13.15
N SER A 83 -24.92 -0.83 12.80
CA SER A 83 -25.13 -1.66 11.62
C SER A 83 -26.24 -2.69 11.77
N THR A 84 -26.72 -2.92 12.99
CA THR A 84 -27.90 -3.76 13.20
C THR A 84 -29.20 -3.01 12.94
N PHE A 85 -29.14 -1.72 12.58
CA PHE A 85 -30.32 -0.89 12.39
C PHE A 85 -30.41 -0.35 10.97
N HIS A 86 -29.78 -1.03 10.00
CA HIS A 86 -29.77 -0.55 8.62
C HIS A 86 -31.11 -0.71 7.91
N ARG A 87 -31.94 -1.68 8.33
CA ARG A 87 -33.24 -1.83 7.69
C ARG A 87 -34.03 -0.53 7.86
N PRO A 88 -34.65 -0.01 6.81
CA PRO A 88 -35.13 1.38 6.86
C PRO A 88 -36.10 1.65 7.99
N GLU A 89 -36.94 0.68 8.36
CA GLU A 89 -37.92 0.92 9.41
C GLU A 89 -37.28 1.07 10.78
N LEU A 90 -36.00 0.70 10.94
CA LEU A 90 -35.29 0.79 12.21
C LEU A 90 -34.47 2.06 12.36
N VAL A 91 -34.34 2.86 11.31
CA VAL A 91 -33.43 4.01 11.34
C VAL A 91 -34.00 5.11 12.23
N ARG A 92 -35.21 5.55 11.97
CA ARG A 92 -35.77 6.60 12.83
C ARG A 92 -35.87 6.17 14.29
N PRO A 93 -36.37 4.98 14.63
CA PRO A 93 -36.36 4.57 16.05
C PRO A 93 -34.97 4.54 16.67
N ALA A 94 -33.93 4.14 15.92
CA ALA A 94 -32.58 4.19 16.46
C ALA A 94 -32.16 5.62 16.75
N LEU A 95 -32.45 6.55 15.83
CA LEU A 95 -32.07 7.94 16.08
C LEU A 95 -32.84 8.50 17.27
N GLU A 96 -34.13 8.19 17.35
CA GLU A 96 -34.94 8.67 18.47
C GLU A 96 -34.38 8.15 19.79
N ASN A 97 -33.92 6.90 19.81
CA ASN A 97 -33.33 6.33 21.02
C ASN A 97 -32.05 7.06 21.40
N SER A 98 -31.21 7.39 20.42
CA SER A 98 -29.99 8.13 20.70
C SER A 98 -30.32 9.50 21.28
N LEU A 99 -31.31 10.18 20.71
CA LEU A 99 -31.72 11.49 21.19
C LEU A 99 -32.27 11.39 22.61
N LYS A 100 -33.05 10.35 22.89
CA LYS A 100 -33.59 10.16 24.24
C LYS A 100 -32.47 9.93 25.25
N LYS A 101 -31.46 9.15 24.88
CA LYS A 101 -30.35 8.89 25.79
C LYS A 101 -29.57 10.17 26.06
N ALA A 102 -29.28 10.94 25.01
CA ALA A 102 -28.52 12.17 25.16
C ALA A 102 -29.35 13.32 25.71
N GLN A 103 -30.67 13.13 25.80
CA GLN A 103 -31.61 14.19 26.15
C GLN A 103 -31.39 15.41 25.26
N LEU A 104 -31.28 15.17 23.97
CA LEU A 104 -31.17 16.22 22.98
C LEU A 104 -32.39 16.19 22.07
N ASP A 105 -32.74 17.34 21.49
CA ASP A 105 -33.86 17.39 20.55
C ASP A 105 -33.44 17.02 19.13
N TYR A 106 -32.17 17.16 18.81
CA TYR A 106 -31.67 16.85 17.48
C TYR A 106 -30.18 16.61 17.60
N VAL A 107 -29.64 15.86 16.63
CA VAL A 107 -28.19 15.78 16.44
C VAL A 107 -27.84 16.70 15.28
N ASP A 108 -26.64 17.28 15.34
CA ASP A 108 -26.13 18.05 14.21
C ASP A 108 -25.77 17.15 13.03
N LEU A 109 -25.37 15.91 13.29
CA LEU A 109 -24.93 15.04 12.22
C LEU A 109 -25.27 13.61 12.61
N TYR A 110 -25.92 12.88 11.71
CA TYR A 110 -26.20 11.47 11.91
C TYR A 110 -25.53 10.72 10.78
N LEU A 111 -24.75 9.69 11.12
CA LEU A 111 -24.01 8.91 10.14
C LEU A 111 -24.43 7.47 10.12
N ILE A 112 -24.35 6.86 8.95
CA ILE A 112 -24.30 5.40 8.86
C ILE A 112 -22.89 4.98 9.33
N HIS A 113 -22.82 4.25 10.45
CA HIS A 113 -21.52 3.97 11.09
C HIS A 113 -20.60 3.16 10.18
N SER A 114 -21.18 2.21 9.45
CA SER A 114 -20.43 1.27 8.64
C SER A 114 -21.36 0.74 7.57
N PRO A 115 -20.86 0.46 6.36
CA PRO A 115 -21.70 -0.17 5.34
C PRO A 115 -21.95 -1.65 5.58
N MET A 116 -21.28 -2.26 6.56
CA MET A 116 -21.39 -3.70 6.77
C MET A 116 -22.57 -4.02 7.67
N SER A 117 -23.72 -4.31 7.06
CA SER A 117 -24.95 -4.57 7.81
C SER A 117 -24.88 -5.85 8.62
N LEU A 118 -25.55 -5.83 9.77
CA LEU A 118 -25.56 -6.95 10.71
C LEU A 118 -27.00 -7.32 11.01
N LYS A 119 -27.19 -8.52 11.55
CA LYS A 119 -28.53 -9.03 11.83
C LYS A 119 -29.30 -8.07 12.73
N PRO A 120 -30.53 -7.70 12.37
CA PRO A 120 -31.29 -6.76 13.19
C PRO A 120 -31.55 -7.34 14.57
N GLY A 121 -31.51 -6.47 15.57
CA GLY A 121 -31.76 -6.90 16.94
C GLY A 121 -31.12 -5.93 17.91
N GLU A 122 -31.35 -6.22 19.20
CA GLU A 122 -30.80 -5.37 20.25
C GLU A 122 -29.31 -5.65 20.51
N GLU A 123 -28.86 -6.87 20.24
CA GLU A 123 -27.44 -7.18 20.38
C GLU A 123 -26.63 -6.41 19.35
N LEU A 124 -25.52 -5.82 19.80
CA LEU A 124 -24.65 -5.06 18.91
C LEU A 124 -23.87 -5.97 17.98
N SER A 125 -23.53 -7.16 18.46
CA SER A 125 -22.69 -8.10 17.72
C SER A 125 -23.38 -9.46 17.72
N PRO A 126 -24.41 -9.62 16.87
CA PRO A 126 -25.14 -10.90 16.86
C PRO A 126 -24.28 -12.01 16.30
N THR A 127 -24.30 -13.16 16.96
CA THR A 127 -23.46 -14.28 16.55
C THR A 127 -24.29 -15.56 16.49
N ASP A 128 -23.88 -16.47 15.62
CA ASP A 128 -24.62 -17.71 15.40
C ASP A 128 -24.10 -18.82 16.30
N GLU A 129 -24.53 -20.06 16.05
CA GLU A 129 -24.21 -21.16 16.94
C GLU A 129 -22.75 -21.56 16.89
N ASN A 130 -22.02 -21.19 15.85
CA ASN A 130 -20.58 -21.42 15.79
C ASN A 130 -19.77 -20.17 16.09
N GLY A 131 -20.40 -19.15 16.68
CA GLY A 131 -19.68 -17.97 17.12
C GLY A 131 -19.31 -16.98 16.04
N LYS A 132 -19.89 -17.09 14.85
CA LYS A 132 -19.62 -16.13 13.78
C LYS A 132 -20.65 -15.01 13.80
N VAL A 133 -20.17 -13.78 13.59
CA VAL A 133 -21.06 -12.63 13.52
C VAL A 133 -21.99 -12.77 12.34
N ILE A 134 -23.27 -12.50 12.55
CA ILE A 134 -24.30 -12.73 11.55
C ILE A 134 -24.46 -11.46 10.72
N PHE A 135 -24.15 -11.54 9.44
CA PHE A 135 -24.31 -10.41 8.54
C PHE A 135 -25.77 -10.31 8.10
N ASP A 136 -26.13 -9.14 7.58
CA ASP A 136 -27.43 -8.94 6.97
C ASP A 136 -27.22 -8.35 5.59
N ILE A 137 -28.19 -8.53 4.72
CA ILE A 137 -28.15 -7.94 3.39
C ILE A 137 -29.21 -6.85 3.34
N VAL A 138 -28.78 -5.60 3.17
CA VAL A 138 -29.67 -4.45 3.13
C VAL A 138 -29.22 -3.55 2.00
N ASP A 139 -30.18 -3.06 1.22
CA ASP A 139 -29.89 -2.07 0.20
C ASP A 139 -29.63 -0.75 0.92
N LEU A 140 -28.36 -0.32 0.95
CA LEU A 140 -27.99 0.86 1.70
C LEU A 140 -28.63 2.12 1.15
N CYS A 141 -29.09 2.09 -0.11
CA CYS A 141 -29.88 3.21 -0.62
C CYS A 141 -31.21 3.36 0.10
N THR A 142 -31.81 2.25 0.55
CA THR A 142 -33.05 2.34 1.32
C THR A 142 -32.76 2.84 2.72
N THR A 143 -31.62 2.44 3.29
CA THR A 143 -31.17 3.04 4.56
C THR A 143 -30.99 4.53 4.41
N TRP A 144 -30.38 4.96 3.30
CA TRP A 144 -30.15 6.38 3.07
C TRP A 144 -31.46 7.14 2.96
N GLU A 145 -32.45 6.56 2.28
CA GLU A 145 -33.76 7.21 2.18
C GLU A 145 -34.36 7.43 3.56
N ALA A 146 -34.19 6.46 4.46
CA ALA A 146 -34.68 6.64 5.82
C ALA A 146 -33.89 7.72 6.54
N MET A 147 -32.59 7.83 6.26
CA MET A 147 -31.80 8.90 6.86
C MET A 147 -32.31 10.26 6.41
N GLU A 148 -32.62 10.36 5.11
CA GLU A 148 -33.12 11.62 4.54
C GLU A 148 -34.40 12.05 5.24
N LYS A 149 -35.28 11.09 5.54
CA LYS A 149 -36.51 11.42 6.27
C LYS A 149 -36.21 11.91 7.68
N CYS A 150 -35.12 11.43 8.30
CA CYS A 150 -34.71 11.92 9.61
C CYS A 150 -34.26 13.37 9.56
N LYS A 151 -33.57 13.76 8.48
CA LYS A 151 -33.21 15.16 8.29
C LYS A 151 -34.45 16.01 8.03
N ASP A 152 -35.38 15.51 7.20
CA ASP A 152 -36.61 16.26 6.97
C ASP A 152 -37.42 16.37 8.26
N ALA A 153 -37.40 15.35 9.11
CA ALA A 153 -38.15 15.45 10.34
C ALA A 153 -37.45 16.33 11.37
N GLY A 154 -36.27 16.84 11.06
CA GLY A 154 -35.56 17.75 11.93
C GLY A 154 -34.79 17.09 13.05
N LEU A 155 -34.70 15.76 13.05
CA LEU A 155 -33.99 15.07 14.11
C LEU A 155 -32.49 15.05 13.86
N ALA A 156 -32.07 15.22 12.61
CA ALA A 156 -30.66 15.41 12.26
C ALA A 156 -30.56 16.62 11.35
N LYS A 157 -29.73 17.58 11.72
CA LYS A 157 -29.54 18.73 10.84
C LYS A 157 -28.84 18.32 9.55
N SER A 158 -27.89 17.38 9.63
CA SER A 158 -27.12 16.91 8.49
C SER A 158 -26.97 15.39 8.59
N ILE A 159 -26.77 14.75 7.44
CA ILE A 159 -26.61 13.30 7.39
C ILE A 159 -25.38 12.97 6.55
N GLY A 160 -24.66 11.93 6.94
CA GLY A 160 -23.47 11.52 6.22
C GLY A 160 -23.22 10.04 6.40
N VAL A 161 -22.05 9.55 5.97
CA VAL A 161 -21.75 8.13 6.09
C VAL A 161 -20.39 7.98 6.76
N SER A 162 -20.07 6.74 7.12
CA SER A 162 -18.77 6.43 7.70
C SER A 162 -18.30 5.10 7.14
N ASN A 163 -16.99 5.02 6.90
CA ASN A 163 -16.34 3.81 6.40
C ASN A 163 -16.82 3.39 5.02
N PHE A 164 -17.30 4.35 4.22
CA PHE A 164 -17.64 4.05 2.83
C PHE A 164 -16.42 4.19 1.92
N ASN A 165 -16.33 3.31 0.93
CA ASN A 165 -15.33 3.51 -0.12
C ASN A 165 -15.95 4.28 -1.28
N ARG A 166 -15.16 4.50 -2.34
CA ARG A 166 -15.65 5.30 -3.46
C ARG A 166 -16.88 4.69 -4.10
N ARG A 167 -16.85 3.38 -4.38
CA ARG A 167 -17.99 2.74 -5.01
C ARG A 167 -19.24 2.86 -4.14
N GLN A 168 -19.07 2.74 -2.83
CA GLN A 168 -20.22 2.85 -1.93
C GLN A 168 -20.78 4.27 -1.91
N LEU A 169 -19.90 5.27 -1.93
CA LEU A 169 -20.35 6.66 -2.07
C LEU A 169 -21.11 6.86 -3.37
N GLU A 170 -20.58 6.36 -4.49
CA GLU A 170 -21.25 6.56 -5.77
C GLU A 170 -22.64 5.94 -5.79
N MET A 171 -22.83 4.85 -5.05
CA MET A 171 -24.13 4.21 -5.03
C MET A 171 -25.18 5.14 -4.41
N ILE A 172 -24.79 5.88 -3.37
CA ILE A 172 -25.67 6.92 -2.85
C ILE A 172 -25.77 8.08 -3.83
N LEU A 173 -24.63 8.53 -4.36
CA LEU A 173 -24.65 9.74 -5.18
C LEU A 173 -25.44 9.53 -6.47
N ASN A 174 -25.47 8.31 -6.98
CA ASN A 174 -26.16 8.01 -8.23
C ASN A 174 -27.57 7.50 -8.00
N LYS A 175 -28.06 7.54 -6.77
CA LYS A 175 -29.38 6.99 -6.46
C LYS A 175 -30.47 7.80 -7.15
N PRO A 176 -31.41 7.16 -7.84
CA PRO A 176 -32.54 7.92 -8.40
C PRO A 176 -33.35 8.58 -7.30
N GLY A 177 -33.71 9.85 -7.53
CA GLY A 177 -34.53 10.58 -6.58
C GLY A 177 -33.80 11.02 -5.34
N LEU A 178 -32.47 11.03 -5.35
CA LEU A 178 -31.71 11.45 -4.18
C LEU A 178 -32.10 12.86 -3.79
N LYS A 179 -32.33 13.07 -2.50
CA LYS A 179 -32.70 14.38 -1.97
C LYS A 179 -31.55 15.08 -1.28
N TYR A 180 -30.76 14.34 -0.51
CA TYR A 180 -29.62 14.90 0.22
C TYR A 180 -28.39 14.06 -0.02
N LYS A 181 -27.33 14.70 -0.54
CA LYS A 181 -26.03 14.05 -0.58
C LYS A 181 -25.51 13.86 0.85
N PRO A 182 -24.69 12.85 1.08
CA PRO A 182 -24.03 12.78 2.38
C PRO A 182 -23.11 13.99 2.52
N VAL A 183 -23.12 14.61 3.70
CA VAL A 183 -22.25 15.78 3.86
C VAL A 183 -20.81 15.37 4.10
N CYS A 184 -20.58 14.14 4.51
CA CYS A 184 -19.23 13.74 4.87
C CYS A 184 -19.13 12.23 4.78
N ASN A 185 -17.89 11.77 4.80
CA ASN A 185 -17.53 10.37 4.91
C ASN A 185 -16.46 10.30 6.00
N GLN A 186 -16.80 9.75 7.17
CA GLN A 186 -15.86 9.62 8.28
C GLN A 186 -15.08 8.33 8.12
N VAL A 187 -13.77 8.43 7.92
CA VAL A 187 -12.96 7.26 7.61
C VAL A 187 -11.65 7.31 8.40
N GLU A 188 -10.98 6.14 8.47
CA GLU A 188 -9.67 6.11 9.10
C GLU A 188 -8.69 6.90 8.24
N CYS A 189 -7.95 7.82 8.85
CA CYS A 189 -7.11 8.67 8.02
C CYS A 189 -6.01 9.28 8.88
N HIS A 190 -4.75 9.04 8.50
CA HIS A 190 -3.59 9.49 9.25
C HIS A 190 -2.38 9.39 8.33
N PRO A 191 -1.21 9.86 8.73
CA PRO A 191 -0.08 9.81 7.79
C PRO A 191 0.30 8.44 7.30
N TYR A 192 -0.01 7.36 8.01
CA TYR A 192 0.31 6.02 7.52
C TYR A 192 -0.78 5.44 6.64
N PHE A 193 -1.90 6.16 6.50
CA PHE A 193 -3.00 5.76 5.64
C PHE A 193 -3.75 7.04 5.28
N ASN A 194 -3.25 7.80 4.31
CA ASN A 194 -3.65 9.21 4.21
C ASN A 194 -4.83 9.42 3.26
N ARG A 195 -5.32 8.37 2.61
CA ARG A 195 -6.58 8.39 1.85
C ARG A 195 -6.58 9.46 0.76
N SER A 196 -5.41 9.74 0.17
CA SER A 196 -5.31 10.82 -0.81
C SER A 196 -6.31 10.64 -1.96
N LYS A 197 -6.48 9.41 -2.45
CA LYS A 197 -7.37 9.22 -3.59
C LYS A 197 -8.83 9.40 -3.19
N LEU A 198 -9.23 8.81 -2.07
CA LEU A 198 -10.58 9.02 -1.57
C LEU A 198 -10.82 10.48 -1.23
N LEU A 199 -9.82 11.14 -0.66
CA LEU A 199 -9.97 12.56 -0.38
C LEU A 199 -10.25 13.35 -1.67
N ASP A 200 -9.50 13.05 -2.72
CA ASP A 200 -9.70 13.77 -3.98
C ASP A 200 -11.10 13.51 -4.52
N PHE A 201 -11.59 12.28 -4.42
CA PHE A 201 -12.94 11.99 -4.88
C PHE A 201 -13.97 12.77 -4.08
N CYS A 202 -13.84 12.75 -2.74
CA CYS A 202 -14.78 13.48 -1.91
C CYS A 202 -14.77 14.96 -2.21
N LYS A 203 -13.59 15.54 -2.40
CA LYS A 203 -13.50 16.96 -2.73
C LYS A 203 -14.23 17.26 -4.04
N SER A 204 -14.13 16.38 -5.03
CA SER A 204 -14.80 16.61 -6.29
C SER A 204 -16.32 16.56 -6.17
N LYS A 205 -16.85 15.93 -5.11
CA LYS A 205 -18.28 15.84 -4.91
C LYS A 205 -18.78 16.71 -3.76
N ASP A 206 -17.93 17.61 -3.24
CA ASP A 206 -18.28 18.48 -2.12
C ASP A 206 -18.71 17.69 -0.89
N ILE A 207 -18.02 16.58 -0.65
CA ILE A 207 -18.22 15.76 0.53
C ILE A 207 -16.99 15.94 1.41
N VAL A 208 -17.20 16.27 2.68
CA VAL A 208 -16.08 16.45 3.60
C VAL A 208 -15.56 15.10 4.06
N LEU A 209 -14.25 14.90 3.99
CA LEU A 209 -13.67 13.69 4.59
C LEU A 209 -13.32 14.03 6.05
N VAL A 210 -13.83 13.22 6.97
CA VAL A 210 -13.57 13.40 8.40
C VAL A 210 -12.63 12.28 8.82
N ALA A 211 -11.50 12.63 9.42
CA ALA A 211 -10.48 11.65 9.76
C ALA A 211 -10.66 11.13 11.18
N TYR A 212 -10.72 9.81 11.32
CA TYR A 212 -10.62 9.17 12.62
C TYR A 212 -9.34 8.35 12.71
N SER A 213 -8.99 8.01 13.94
CA SER A 213 -7.70 7.42 14.26
C SER A 213 -6.57 8.29 13.73
N ALA A 214 -6.79 9.60 13.74
CA ALA A 214 -5.81 10.54 13.17
C ALA A 214 -4.54 10.60 13.98
N LEU A 215 -4.57 10.15 15.23
CA LEU A 215 -3.37 10.06 16.05
C LEU A 215 -2.85 8.63 16.13
N GLY A 216 -3.34 7.74 15.28
CA GLY A 216 -2.88 6.36 15.18
C GLY A 216 -3.69 5.32 15.94
N SER A 217 -4.89 5.67 16.41
CA SER A 217 -5.79 4.79 17.13
C SER A 217 -5.39 4.56 18.58
N GLN A 218 -6.29 3.94 19.33
CA GLN A 218 -6.04 3.56 20.71
C GLN A 218 -5.29 2.24 20.83
N ARG A 219 -5.04 1.55 19.72
CA ARG A 219 -4.22 0.34 19.69
C ARG A 219 -4.74 -0.73 20.65
N ASP A 220 -6.05 -0.88 20.74
CA ASP A 220 -6.62 -1.94 21.58
C ASP A 220 -6.33 -3.30 20.96
N LYS A 221 -5.77 -4.21 21.76
CA LYS A 221 -5.33 -5.51 21.25
C LYS A 221 -6.47 -6.29 20.59
N ARG A 222 -7.71 -6.03 21.02
CA ARG A 222 -8.85 -6.76 20.47
C ARG A 222 -9.07 -6.43 18.99
N TRP A 223 -8.76 -5.21 18.57
CA TRP A 223 -9.12 -4.76 17.23
C TRP A 223 -7.97 -4.17 16.42
N VAL A 224 -6.77 -4.01 17.00
CA VAL A 224 -5.61 -3.43 16.34
C VAL A 224 -4.41 -4.33 16.58
N ASP A 225 -3.68 -4.65 15.51
CA ASP A 225 -2.54 -5.55 15.59
C ASP A 225 -1.41 -4.91 16.39
N PRO A 226 -0.95 -5.53 17.48
CA PRO A 226 0.08 -4.89 18.33
C PRO A 226 1.42 -4.68 17.64
N ASN A 227 1.70 -5.38 16.54
CA ASN A 227 2.98 -5.21 15.85
C ASN A 227 2.93 -4.09 14.82
N SER A 228 1.78 -3.46 14.62
CA SER A 228 1.72 -2.32 13.73
C SER A 228 2.59 -1.18 14.27
N PRO A 229 3.22 -0.40 13.39
CA PRO A 229 4.01 0.74 13.87
C PRO A 229 3.14 1.73 14.63
N VAL A 230 3.74 2.38 15.62
CA VAL A 230 3.06 3.41 16.40
C VAL A 230 3.22 4.74 15.67
N LEU A 231 2.09 5.36 15.30
CA LEU A 231 2.13 6.56 14.47
C LEU A 231 2.93 7.68 15.13
N LEU A 232 2.66 7.94 16.40
CA LEU A 232 3.26 9.11 17.03
C LEU A 232 4.73 8.92 17.34
N GLU A 233 5.27 7.71 17.14
CA GLU A 233 6.70 7.47 17.25
C GLU A 233 7.42 7.64 15.92
N ASP A 234 6.71 8.05 14.87
CA ASP A 234 7.32 8.15 13.54
C ASP A 234 8.45 9.17 13.54
N PRO A 235 9.60 8.84 12.95
CA PRO A 235 10.74 9.78 12.98
C PRO A 235 10.46 11.10 12.29
N VAL A 236 9.72 11.09 11.17
CA VAL A 236 9.43 12.33 10.47
C VAL A 236 8.50 13.21 11.30
N LEU A 237 7.46 12.61 11.88
CA LEU A 237 6.58 13.38 12.75
C LEU A 237 7.35 13.95 13.93
N CYS A 238 8.27 13.16 14.50
CA CYS A 238 8.98 13.62 15.68
C CYS A 238 9.99 14.70 15.30
N ALA A 239 10.63 14.58 14.15
CA ALA A 239 11.54 15.63 13.69
C ALA A 239 10.78 16.92 13.41
N LEU A 240 9.58 16.82 12.83
CA LEU A 240 8.80 18.02 12.56
C LEU A 240 8.31 18.65 13.86
N ALA A 241 7.94 17.82 14.84
CA ALA A 241 7.52 18.33 16.14
C ALA A 241 8.64 19.13 16.79
N LYS A 242 9.87 18.64 16.66
CA LYS A 242 11.00 19.39 17.23
C LYS A 242 11.25 20.67 16.44
N LYS A 243 11.12 20.61 15.12
CA LYS A 243 11.35 21.81 14.31
C LYS A 243 10.34 22.91 14.65
N HIS A 244 9.08 22.54 14.86
CA HIS A 244 8.04 23.50 15.15
C HIS A 244 7.82 23.73 16.64
N LYS A 245 8.58 23.04 17.48
CA LYS A 245 8.41 23.10 18.94
C LYS A 245 6.97 22.78 19.33
N ARG A 246 6.45 21.71 18.74
CA ARG A 246 5.12 21.19 18.99
C ARG A 246 5.29 19.74 19.39
N THR A 247 4.23 18.94 19.29
CA THR A 247 4.26 17.52 19.57
C THR A 247 3.90 16.74 18.32
N PRO A 248 4.31 15.47 18.23
CA PRO A 248 3.95 14.68 17.05
C PRO A 248 2.45 14.63 16.81
N ALA A 249 1.65 14.58 17.89
CA ALA A 249 0.21 14.61 17.74
C ALA A 249 -0.25 15.87 17.02
N LEU A 250 0.29 17.02 17.45
CA LEU A 250 -0.13 18.27 16.84
C LEU A 250 0.30 18.34 15.37
N ILE A 251 1.45 17.75 15.03
CA ILE A 251 1.83 17.66 13.62
C ILE A 251 0.81 16.83 12.85
N ALA A 252 0.44 15.67 13.41
CA ALA A 252 -0.51 14.79 12.75
C ALA A 252 -1.87 15.47 12.56
N LEU A 253 -2.31 16.26 13.55
CA LEU A 253 -3.60 16.95 13.39
C LEU A 253 -3.50 18.09 12.39
N ARG A 254 -2.42 18.87 12.46
CA ARG A 254 -2.30 20.03 11.57
C ARG A 254 -2.17 19.58 10.12
N TYR A 255 -1.53 18.45 9.88
CA TYR A 255 -1.47 17.84 8.56
C TYR A 255 -2.85 17.73 7.93
N GLN A 256 -3.81 17.17 8.69
CA GLN A 256 -5.16 17.01 8.15
C GLN A 256 -5.81 18.37 7.88
N LEU A 257 -5.66 19.31 8.80
CA LEU A 257 -6.34 20.60 8.61
C LEU A 257 -5.88 21.25 7.32
N GLN A 258 -4.59 21.14 7.00
CA GLN A 258 -4.05 21.86 5.85
C GLN A 258 -4.35 21.17 4.53
N ARG A 259 -4.77 19.91 4.53
CA ARG A 259 -5.18 19.25 3.30
C ARG A 259 -6.70 19.20 3.16
N GLY A 260 -7.42 19.98 3.96
CA GLY A 260 -8.85 20.10 3.83
C GLY A 260 -9.66 18.99 4.49
N VAL A 261 -9.09 18.31 5.47
CA VAL A 261 -9.75 17.21 6.17
C VAL A 261 -10.17 17.72 7.53
N VAL A 262 -11.40 17.41 7.95
CA VAL A 262 -11.86 17.65 9.31
C VAL A 262 -11.32 16.52 10.16
N VAL A 263 -10.74 16.86 11.32
CA VAL A 263 -9.99 15.88 12.07
C VAL A 263 -10.58 15.71 13.46
N LEU A 264 -10.76 14.44 13.85
CA LEU A 264 -11.16 14.09 15.21
C LEU A 264 -9.91 13.76 16.02
N ALA A 265 -10.00 13.97 17.33
CA ALA A 265 -8.93 13.60 18.25
C ALA A 265 -9.56 13.09 19.52
N LYS A 266 -9.29 11.85 19.89
CA LYS A 266 -9.73 11.34 21.18
C LYS A 266 -8.64 11.57 22.23
N SER A 267 -9.02 12.15 23.36
CA SER A 267 -8.17 12.05 24.54
C SER A 267 -9.04 12.07 25.77
N TYR A 268 -8.68 11.24 26.75
CA TYR A 268 -9.31 11.25 28.06
C TYR A 268 -8.36 11.82 29.11
N ASN A 269 -7.36 12.56 28.66
CA ASN A 269 -6.35 13.17 29.54
C ASN A 269 -6.47 14.69 29.46
N GLU A 270 -6.67 15.33 30.62
CA GLU A 270 -6.97 16.77 30.63
C GLU A 270 -5.92 17.58 29.87
N GLN A 271 -4.65 17.30 30.11
CA GLN A 271 -3.61 18.11 29.47
C GLN A 271 -3.52 17.84 27.97
N ARG A 272 -3.74 16.59 27.54
CA ARG A 272 -3.65 16.33 26.10
C ARG A 272 -4.88 16.86 25.36
N ILE A 273 -6.06 16.83 26.00
CA ILE A 273 -7.23 17.49 25.43
C ILE A 273 -6.94 18.96 25.13
N ARG A 274 -6.33 19.65 26.09
CA ARG A 274 -6.06 21.08 25.92
C ARG A 274 -4.95 21.29 24.91
N GLN A 275 -3.97 20.40 24.87
CA GLN A 275 -2.89 20.52 23.89
C GLN A 275 -3.41 20.42 22.47
N ASN A 276 -4.40 19.56 22.24
CA ASN A 276 -4.87 19.33 20.89
C ASN A 276 -5.50 20.58 20.28
N VAL A 277 -6.13 21.42 21.11
CA VAL A 277 -6.72 22.64 20.57
C VAL A 277 -5.63 23.58 20.04
N GLN A 278 -4.36 23.34 20.42
CA GLN A 278 -3.30 24.21 19.93
C GLN A 278 -2.96 23.98 18.47
N VAL A 279 -3.64 23.04 17.82
CA VAL A 279 -3.43 22.81 16.39
C VAL A 279 -3.67 24.06 15.57
N PHE A 280 -4.46 25.00 16.08
CA PHE A 280 -4.73 26.22 15.33
C PHE A 280 -3.64 27.27 15.46
N GLU A 281 -2.60 27.01 16.27
CA GLU A 281 -1.64 28.03 16.63
C GLU A 281 -0.41 28.06 15.74
N PHE A 282 -0.28 27.14 14.79
CA PHE A 282 0.93 27.07 13.98
C PHE A 282 0.58 26.52 12.61
N GLN A 283 1.54 26.61 11.69
CA GLN A 283 1.32 26.17 10.32
C GLN A 283 2.49 25.31 9.83
N LEU A 284 2.19 24.28 9.04
CA LEU A 284 3.20 23.47 8.38
C LEU A 284 3.54 24.07 7.02
N THR A 285 4.81 24.03 6.66
CA THR A 285 5.17 24.53 5.35
C THR A 285 4.80 23.51 4.27
N ALA A 286 4.83 23.96 3.02
CA ALA A 286 4.55 23.06 1.91
C ALA A 286 5.53 21.89 1.90
N GLU A 287 6.81 22.18 2.17
CA GLU A 287 7.81 21.11 2.27
C GLU A 287 7.47 20.13 3.39
N ASP A 288 7.02 20.66 4.53
CA ASP A 288 6.59 19.80 5.62
C ASP A 288 5.44 18.89 5.18
N MET A 289 4.48 19.45 4.45
CA MET A 289 3.33 18.64 4.05
C MET A 289 3.74 17.53 3.10
N LYS A 290 4.67 17.81 2.18
CA LYS A 290 5.15 16.74 1.30
C LYS A 290 5.89 15.65 2.08
N ALA A 291 6.66 16.04 3.11
CA ALA A 291 7.35 15.04 3.90
C ALA A 291 6.35 14.09 4.58
N ILE A 292 5.29 14.64 5.15
CA ILE A 292 4.25 13.81 5.77
C ILE A 292 3.51 12.98 4.72
N ASP A 293 3.24 13.54 3.53
CA ASP A 293 2.62 12.79 2.45
C ASP A 293 3.42 11.54 2.14
N GLY A 294 4.74 11.60 2.33
CA GLY A 294 5.60 10.48 2.04
C GLY A 294 5.49 9.32 3.00
N LEU A 295 4.74 9.47 4.09
CA LEU A 295 4.68 8.46 5.13
C LEU A 295 3.65 7.35 4.87
N ASP A 296 2.80 7.50 3.86
CA ASP A 296 1.72 6.54 3.67
C ASP A 296 2.27 5.14 3.46
N ARG A 297 1.67 4.17 4.15
CA ARG A 297 2.00 2.78 3.91
C ARG A 297 0.75 1.92 3.90
N ASN A 298 -0.41 2.51 3.60
CA ASN A 298 -1.68 1.79 3.54
C ASN A 298 -1.88 0.92 4.78
N LEU A 299 -1.63 1.51 5.95
CA LEU A 299 -1.71 0.79 7.21
C LEU A 299 -3.06 1.05 7.86
N HIS A 300 -3.85 -0.01 8.02
CA HIS A 300 -5.18 0.10 8.62
C HIS A 300 -5.12 -0.36 10.06
N TYR A 301 -5.25 0.58 11.00
CA TYR A 301 -5.37 0.16 12.38
C TYR A 301 -6.68 -0.60 12.60
N PHE A 302 -7.78 -0.13 12.00
CA PHE A 302 -9.05 -0.86 12.01
C PHE A 302 -9.21 -1.56 10.67
N ASN A 303 -8.61 -2.74 10.56
CA ASN A 303 -8.75 -3.51 9.34
C ASN A 303 -9.94 -4.44 9.36
N SER A 304 -10.50 -4.73 10.55
CA SER A 304 -11.62 -5.63 10.71
C SER A 304 -11.44 -6.90 9.89
N ASP A 305 -10.31 -7.57 10.15
CA ASP A 305 -9.91 -8.73 9.35
C ASP A 305 -10.98 -9.81 9.36
N SER A 306 -11.60 -10.05 10.50
CA SER A 306 -12.62 -11.09 10.59
C SER A 306 -13.86 -10.76 9.79
N PHE A 307 -14.00 -9.53 9.30
CA PHE A 307 -15.14 -9.16 8.46
C PHE A 307 -14.75 -9.03 6.99
N ALA A 308 -13.56 -9.50 6.61
CA ALA A 308 -13.07 -9.32 5.25
C ALA A 308 -13.97 -9.99 4.22
N SER A 309 -14.77 -10.96 4.63
CA SER A 309 -15.69 -11.65 3.72
C SER A 309 -17.07 -11.01 3.67
N HIS A 310 -17.31 -9.95 4.43
CA HIS A 310 -18.58 -9.25 4.32
C HIS A 310 -18.69 -8.63 2.93
N PRO A 311 -19.85 -8.76 2.28
CA PRO A 311 -19.98 -8.19 0.92
C PRO A 311 -19.71 -6.70 0.84
N ASN A 312 -19.97 -5.95 1.91
CA ASN A 312 -19.72 -4.52 1.91
C ASN A 312 -18.41 -4.14 2.62
N TYR A 313 -17.54 -5.11 2.89
CA TYR A 313 -16.22 -4.80 3.42
C TYR A 313 -15.58 -3.69 2.57
N PRO A 314 -15.29 -2.52 3.15
CA PRO A 314 -14.88 -1.37 2.31
C PRO A 314 -13.52 -1.50 1.68
N TYR A 315 -12.65 -2.35 2.21
CA TYR A 315 -11.29 -2.46 1.66
C TYR A 315 -11.16 -3.58 0.64
N SER A 316 -12.26 -3.95 -0.02
CA SER A 316 -12.20 -4.84 -1.17
C SER A 316 -11.77 -4.12 -2.44
N ASP A 317 -11.89 -2.79 -2.48
CA ASP A 317 -11.49 -1.98 -3.62
C ASP A 317 -10.14 -1.30 -3.36
N GLU A 318 -9.60 -0.70 -4.42
CA GLU A 318 -8.40 0.12 -4.28
C GLU A 318 -8.62 1.25 -3.29
N TYR A 319 -9.84 1.79 -3.27
CA TYR A 319 -10.26 2.84 -2.33
C TYR A 319 -11.75 3.09 -2.58
N GLN B 2 23.55 6.01 -15.04
CA GLN B 2 23.24 6.15 -16.46
C GLN B 2 22.40 4.97 -16.93
N CYS B 3 22.00 5.00 -18.19
CA CYS B 3 21.05 4.04 -18.74
C CYS B 3 21.55 3.43 -20.03
N VAL B 4 20.82 2.41 -20.47
CA VAL B 4 21.04 1.77 -21.76
C VAL B 4 19.76 1.95 -22.57
N LYS B 5 19.91 2.20 -23.87
CA LYS B 5 18.77 2.34 -24.76
C LYS B 5 18.29 0.94 -25.16
N LEU B 6 17.02 0.65 -24.90
CA LEU B 6 16.43 -0.62 -25.29
C LEU B 6 15.99 -0.59 -26.75
N ASN B 7 15.76 -1.79 -27.30
CA ASN B 7 15.46 -1.89 -28.72
C ASN B 7 14.10 -1.30 -29.09
N ASP B 8 13.26 -0.93 -28.12
CA ASP B 8 12.01 -0.23 -28.39
C ASP B 8 12.11 1.27 -28.14
N GLY B 9 13.32 1.80 -27.91
CA GLY B 9 13.53 3.21 -27.74
C GLY B 9 13.40 3.72 -26.32
N HIS B 10 12.96 2.89 -25.38
CA HIS B 10 12.93 3.28 -23.99
C HIS B 10 14.32 3.13 -23.38
N PHE B 11 14.50 3.68 -22.18
CA PHE B 11 15.80 3.68 -21.51
C PHE B 11 15.69 2.97 -20.18
N MET B 12 16.69 2.14 -19.86
CA MET B 12 16.69 1.35 -18.64
C MET B 12 17.94 1.70 -17.83
N PRO B 13 17.81 2.12 -16.57
CA PRO B 13 19.01 2.35 -15.75
C PRO B 13 19.84 1.08 -15.60
N VAL B 14 21.17 1.23 -15.66
CA VAL B 14 22.02 0.04 -15.72
C VAL B 14 22.27 -0.61 -14.36
N LEU B 15 21.92 0.05 -13.25
CA LEU B 15 21.94 -0.59 -11.95
C LEU B 15 20.52 -0.65 -11.42
N GLY B 16 20.06 -1.85 -11.07
CA GLY B 16 18.72 -2.03 -10.52
C GLY B 16 18.76 -2.57 -9.11
N PHE B 17 17.68 -2.29 -8.35
CA PHE B 17 17.51 -2.78 -6.98
C PHE B 17 16.63 -4.02 -6.99
N GLY B 18 17.16 -5.12 -6.44
CA GLY B 18 16.40 -6.36 -6.36
C GLY B 18 15.65 -6.41 -5.06
N THR B 19 14.38 -6.77 -5.13
CA THR B 19 13.50 -6.70 -3.97
C THR B 19 13.14 -8.05 -3.37
N TYR B 20 13.61 -9.18 -3.92
CA TYR B 20 13.14 -10.44 -3.36
C TYR B 20 13.66 -10.63 -1.94
N ALA B 21 12.74 -10.95 -1.03
CA ALA B 21 13.08 -11.38 0.31
C ALA B 21 12.33 -12.67 0.62
N PRO B 22 12.94 -13.59 1.36
CA PRO B 22 12.28 -14.84 1.71
C PRO B 22 11.01 -14.58 2.52
N PRO B 23 10.06 -15.52 2.52
CA PRO B 23 8.79 -15.29 3.21
C PRO B 23 8.94 -15.06 4.71
N GLU B 24 10.08 -15.45 5.31
CA GLU B 24 10.26 -15.16 6.74
C GLU B 24 10.53 -13.68 7.00
N VAL B 25 10.79 -12.89 5.98
CA VAL B 25 11.07 -11.46 6.18
C VAL B 25 9.76 -10.70 6.22
N PRO B 26 9.51 -9.88 7.24
CA PRO B 26 8.25 -9.13 7.29
C PRO B 26 8.05 -8.29 6.04
N ARG B 27 6.79 -8.23 5.61
CA ARG B 27 6.44 -7.54 4.37
C ARG B 27 6.78 -6.06 4.42
N SER B 28 6.68 -5.43 5.59
CA SER B 28 6.95 -4.00 5.67
C SER B 28 8.39 -3.66 5.32
N LYS B 29 9.30 -4.63 5.42
CA LYS B 29 10.71 -4.36 5.14
C LYS B 29 10.92 -3.97 3.69
N ALA B 30 10.17 -4.58 2.76
CA ALA B 30 10.29 -4.20 1.36
C ALA B 30 9.95 -2.73 1.15
N LEU B 31 8.95 -2.22 1.87
CA LEU B 31 8.65 -0.79 1.79
C LEU B 31 9.82 0.05 2.29
N GLU B 32 10.33 -0.29 3.48
CA GLU B 32 11.47 0.41 4.08
C GLU B 32 12.69 0.40 3.16
N VAL B 33 13.09 -0.77 2.66
CA VAL B 33 14.37 -0.81 1.94
C VAL B 33 14.24 -0.24 0.54
N THR B 34 13.08 -0.34 -0.10
CA THR B 34 12.92 0.30 -1.41
C THR B 34 13.01 1.83 -1.30
N LYS B 35 12.44 2.40 -0.23
CA LYS B 35 12.61 3.83 0.00
C LYS B 35 14.09 4.18 0.17
N LEU B 36 14.81 3.39 0.94
CA LEU B 36 16.24 3.59 1.14
C LEU B 36 17.00 3.49 -0.18
N ALA B 37 16.59 2.56 -1.04
CA ALA B 37 17.29 2.40 -2.32
C ALA B 37 17.08 3.61 -3.21
N ILE B 38 15.85 4.13 -3.27
CA ILE B 38 15.62 5.34 -4.04
C ILE B 38 16.41 6.50 -3.46
N GLU B 39 16.42 6.64 -2.12
CA GLU B 39 17.19 7.71 -1.49
C GLU B 39 18.68 7.58 -1.76
N ALA B 40 19.18 6.34 -1.85
CA ALA B 40 20.59 6.10 -2.16
C ALA B 40 20.92 6.41 -3.62
N GLY B 41 19.93 6.34 -4.52
CA GLY B 41 20.15 6.72 -5.90
C GLY B 41 19.70 5.68 -6.90
N PHE B 42 19.21 4.53 -6.42
CA PHE B 42 18.62 3.56 -7.33
C PHE B 42 17.39 4.15 -8.01
N ARG B 43 17.29 3.93 -9.33
CA ARG B 43 16.16 4.41 -10.13
C ARG B 43 15.53 3.28 -10.93
N HIS B 44 15.99 2.05 -10.70
CA HIS B 44 15.50 0.86 -11.39
C HIS B 44 15.15 -0.11 -10.29
N ILE B 45 13.87 -0.52 -10.22
CA ILE B 45 13.40 -1.36 -9.13
C ILE B 45 12.83 -2.62 -9.72
N ASP B 46 13.31 -3.78 -9.27
CA ASP B 46 12.92 -5.09 -9.82
C ASP B 46 12.02 -5.83 -8.84
N SER B 47 10.75 -6.02 -9.22
CA SER B 47 9.79 -6.77 -8.42
C SER B 47 9.16 -7.87 -9.28
N ALA B 48 8.12 -8.53 -8.77
CA ALA B 48 7.49 -9.66 -9.45
C ALA B 48 6.26 -10.08 -8.66
N HIS B 49 5.31 -10.70 -9.36
CA HIS B 49 4.16 -11.26 -8.65
C HIS B 49 4.62 -12.27 -7.62
N LEU B 50 5.62 -13.07 -7.97
CA LEU B 50 6.13 -14.13 -7.10
C LEU B 50 6.57 -13.59 -5.76
N TYR B 51 7.08 -12.36 -5.72
CA TYR B 51 7.77 -11.88 -4.53
C TYR B 51 6.81 -11.46 -3.42
N ASN B 52 5.52 -11.37 -3.71
CA ASN B 52 4.53 -10.99 -2.68
C ASN B 52 4.92 -9.67 -2.04
N ASN B 53 5.39 -8.71 -2.85
CA ASN B 53 5.79 -7.43 -2.29
C ASN B 53 5.40 -6.24 -3.16
N GLU B 54 4.59 -6.42 -4.20
CA GLU B 54 4.31 -5.29 -5.09
C GLU B 54 3.55 -4.16 -4.39
N GLU B 55 2.67 -4.49 -3.43
CA GLU B 55 2.04 -3.41 -2.68
C GLU B 55 3.09 -2.56 -1.96
N GLN B 56 4.01 -3.21 -1.25
CA GLN B 56 5.04 -2.48 -0.51
C GLN B 56 6.02 -1.75 -1.43
N VAL B 57 6.43 -2.38 -2.53
CA VAL B 57 7.35 -1.71 -3.43
C VAL B 57 6.67 -0.52 -4.09
N GLY B 58 5.40 -0.68 -4.47
CA GLY B 58 4.68 0.42 -5.08
C GLY B 58 4.46 1.57 -4.10
N LEU B 59 4.23 1.25 -2.83
CA LEU B 59 4.08 2.27 -1.80
C LEU B 59 5.37 3.05 -1.63
N ALA B 60 6.51 2.37 -1.77
CA ALA B 60 7.80 3.03 -1.67
C ALA B 60 7.99 4.00 -2.82
N ILE B 61 7.64 3.59 -4.03
CA ILE B 61 7.73 4.50 -5.18
C ILE B 61 6.81 5.70 -4.98
N ARG B 62 5.55 5.44 -4.59
CA ARG B 62 4.62 6.56 -4.37
C ARG B 62 5.10 7.49 -3.27
N SER B 63 5.72 6.94 -2.23
CA SER B 63 6.21 7.79 -1.14
C SER B 63 7.25 8.77 -1.65
N LYS B 64 8.16 8.31 -2.49
CA LYS B 64 9.21 9.20 -2.97
C LYS B 64 8.74 10.14 -4.05
N ILE B 65 7.63 9.82 -4.73
CA ILE B 65 7.03 10.81 -5.61
C ILE B 65 6.31 11.86 -4.77
N ALA B 66 5.55 11.41 -3.77
CA ALA B 66 4.78 12.31 -2.93
C ALA B 66 5.68 13.28 -2.18
N ASP B 67 6.83 12.81 -1.70
CA ASP B 67 7.70 13.71 -0.94
C ASP B 67 8.54 14.62 -1.83
N GLY B 68 8.40 14.49 -3.15
CA GLY B 68 9.07 15.36 -4.09
C GLY B 68 10.45 14.93 -4.51
N SER B 69 10.92 13.77 -4.03
CA SER B 69 12.25 13.30 -4.36
C SER B 69 12.39 12.98 -5.85
N VAL B 70 11.38 12.30 -6.42
CA VAL B 70 11.44 11.82 -7.79
C VAL B 70 10.06 12.00 -8.43
N LYS B 71 10.03 12.03 -9.75
CA LYS B 71 8.79 11.89 -10.51
C LYS B 71 8.63 10.45 -10.95
N ARG B 72 7.40 10.11 -11.36
CA ARG B 72 7.15 8.75 -11.83
C ARG B 72 8.05 8.41 -13.01
N GLU B 73 8.26 9.35 -13.91
CA GLU B 73 9.10 9.09 -15.08
C GLU B 73 10.58 8.91 -14.73
N ASP B 74 10.99 9.24 -13.51
CA ASP B 74 12.37 9.00 -13.06
C ASP B 74 12.62 7.59 -12.60
N ILE B 75 11.56 6.80 -12.37
CA ILE B 75 11.64 5.45 -11.83
C ILE B 75 11.36 4.44 -12.93
N PHE B 76 12.20 3.41 -13.00
CA PHE B 76 12.02 2.29 -13.90
C PHE B 76 11.56 1.11 -13.06
N TYR B 77 10.27 0.74 -13.16
CA TYR B 77 9.73 -0.32 -12.33
C TYR B 77 9.45 -1.56 -13.18
N THR B 78 10.00 -2.70 -12.75
CA THR B 78 9.79 -3.98 -13.43
C THR B 78 8.89 -4.88 -12.59
N SER B 79 7.91 -5.52 -13.24
CA SER B 79 7.28 -6.67 -12.62
C SER B 79 7.35 -7.85 -13.58
N LYS B 80 6.85 -8.99 -13.11
CA LYS B 80 7.03 -10.23 -13.85
C LYS B 80 5.75 -11.04 -13.78
N LEU B 81 5.43 -11.64 -14.91
CA LEU B 81 4.29 -12.54 -15.06
C LEU B 81 4.68 -13.90 -14.51
N TRP B 82 3.96 -14.36 -13.49
CA TRP B 82 4.34 -15.65 -12.91
C TRP B 82 3.83 -16.78 -13.81
N SER B 83 4.44 -17.96 -13.64
CA SER B 83 4.33 -19.04 -14.60
C SER B 83 3.00 -19.76 -14.55
N THR B 84 2.17 -19.48 -13.55
CA THR B 84 0.80 -19.97 -13.56
C THR B 84 -0.11 -19.11 -14.41
N PHE B 85 0.41 -18.02 -14.97
CA PHE B 85 -0.38 -17.10 -15.78
C PHE B 85 0.10 -17.04 -17.22
N HIS B 86 0.69 -18.13 -17.74
CA HIS B 86 1.19 -18.11 -19.11
C HIS B 86 0.08 -18.19 -20.16
N ARG B 87 -1.07 -18.77 -19.83
CA ARG B 87 -2.11 -18.88 -20.83
C ARG B 87 -2.55 -17.49 -21.25
N PRO B 88 -2.70 -17.22 -22.55
CA PRO B 88 -2.77 -15.82 -23.02
C PRO B 88 -3.91 -15.02 -22.39
N GLU B 89 -5.07 -15.63 -22.18
CA GLU B 89 -6.16 -14.89 -21.55
C GLU B 89 -5.86 -14.46 -20.12
N LEU B 90 -4.82 -15.01 -19.50
CA LEU B 90 -4.49 -14.67 -18.11
C LEU B 90 -3.46 -13.56 -18.02
N VAL B 91 -2.80 -13.21 -19.13
CA VAL B 91 -1.65 -12.31 -19.07
C VAL B 91 -2.09 -10.89 -18.69
N ARG B 92 -2.98 -10.31 -19.47
CA ARG B 92 -3.39 -8.94 -19.16
C ARG B 92 -4.05 -8.81 -17.79
N PRO B 93 -4.93 -9.72 -17.35
CA PRO B 93 -5.44 -9.60 -15.96
C PRO B 93 -4.34 -9.69 -14.93
N ALA B 94 -3.31 -10.52 -15.17
CA ALA B 94 -2.20 -10.62 -14.24
C ALA B 94 -1.46 -9.29 -14.13
N LEU B 95 -1.22 -8.63 -15.27
CA LEU B 95 -0.57 -7.32 -15.22
C LEU B 95 -1.47 -6.28 -14.56
N GLU B 96 -2.75 -6.28 -14.89
CA GLU B 96 -3.67 -5.33 -14.27
C GLU B 96 -3.76 -5.54 -12.77
N ASN B 97 -3.70 -6.79 -12.32
CA ASN B 97 -3.68 -7.04 -10.88
C ASN B 97 -2.38 -6.54 -10.24
N SER B 98 -1.25 -6.74 -10.93
CA SER B 98 0.02 -6.22 -10.42
C SER B 98 0.00 -4.70 -10.32
N LEU B 99 -0.61 -4.04 -11.29
CA LEU B 99 -0.69 -2.58 -11.28
C LEU B 99 -1.61 -2.10 -10.17
N LYS B 100 -2.70 -2.81 -9.95
CA LYS B 100 -3.62 -2.47 -8.87
C LYS B 100 -2.93 -2.61 -7.53
N LYS B 101 -2.16 -3.69 -7.35
CA LYS B 101 -1.44 -3.90 -6.09
C LYS B 101 -0.41 -2.82 -5.85
N ALA B 102 0.39 -2.51 -6.87
CA ALA B 102 1.44 -1.52 -6.69
C ALA B 102 0.91 -0.08 -6.78
N GLN B 103 -0.33 0.10 -7.22
CA GLN B 103 -0.95 1.40 -7.30
C GLN B 103 -0.21 2.27 -8.32
N LEU B 104 0.09 1.68 -9.47
CA LEU B 104 0.76 2.35 -10.57
C LEU B 104 -0.13 2.30 -11.80
N ASP B 105 0.05 3.28 -12.69
CA ASP B 105 -0.70 3.24 -13.94
C ASP B 105 -0.04 2.36 -14.98
N TYR B 106 1.26 2.12 -14.86
CA TYR B 106 1.98 1.34 -15.85
C TYR B 106 3.24 0.80 -15.19
N VAL B 107 3.78 -0.25 -15.77
CA VAL B 107 5.14 -0.71 -15.42
C VAL B 107 6.05 -0.29 -16.55
N ASP B 108 7.30 0.03 -16.21
CA ASP B 108 8.26 0.27 -17.28
C ASP B 108 8.65 -1.02 -17.99
N LEU B 109 8.63 -2.15 -17.29
CA LEU B 109 9.04 -3.40 -17.89
C LEU B 109 8.20 -4.54 -17.33
N TYR B 110 7.67 -5.36 -18.21
CA TYR B 110 6.96 -6.56 -17.79
C TYR B 110 7.64 -7.77 -18.42
N LEU B 111 8.01 -8.74 -17.60
CA LEU B 111 8.75 -9.90 -18.07
C LEU B 111 7.95 -11.19 -17.88
N ILE B 112 8.15 -12.13 -18.79
CA ILE B 112 7.85 -13.52 -18.49
C ILE B 112 8.90 -14.02 -17.51
N HIS B 113 8.47 -14.42 -16.31
CA HIS B 113 9.40 -14.71 -15.22
C HIS B 113 10.23 -15.96 -15.51
N SER B 114 9.63 -16.97 -16.15
CA SER B 114 10.32 -18.21 -16.44
C SER B 114 9.62 -18.88 -17.61
N PRO B 115 10.33 -19.63 -18.44
CA PRO B 115 9.67 -20.38 -19.52
C PRO B 115 8.91 -21.60 -19.04
N MET B 116 8.97 -21.92 -17.75
CA MET B 116 8.56 -23.23 -17.25
C MET B 116 7.13 -23.08 -16.74
N SER B 117 6.14 -23.26 -17.64
CA SER B 117 4.75 -23.00 -17.32
C SER B 117 4.24 -23.97 -16.26
N LEU B 118 3.35 -23.46 -15.40
CA LEU B 118 2.75 -24.20 -14.30
C LEU B 118 1.23 -24.16 -14.40
N LYS B 119 0.58 -25.12 -13.74
CA LYS B 119 -0.88 -25.20 -13.79
C LYS B 119 -1.54 -23.92 -13.31
N PRO B 120 -2.46 -23.35 -14.08
CA PRO B 120 -3.13 -22.12 -13.65
C PRO B 120 -4.01 -22.33 -12.44
N GLY B 121 -4.19 -21.26 -11.67
CA GLY B 121 -4.98 -21.31 -10.47
C GLY B 121 -4.44 -20.33 -9.43
N GLU B 122 -4.87 -20.54 -8.18
CA GLU B 122 -4.54 -19.62 -7.11
C GLU B 122 -3.18 -19.89 -6.48
N GLU B 123 -2.67 -21.10 -6.57
CA GLU B 123 -1.41 -21.44 -5.90
C GLU B 123 -0.23 -20.98 -6.76
N LEU B 124 0.76 -20.38 -6.10
CA LEU B 124 2.00 -20.05 -6.78
C LEU B 124 2.74 -21.31 -7.23
N SER B 125 2.67 -22.36 -6.42
CA SER B 125 3.38 -23.60 -6.69
C SER B 125 2.35 -24.72 -6.59
N PRO B 126 1.52 -24.90 -7.62
CA PRO B 126 0.50 -25.96 -7.58
C PRO B 126 1.16 -27.33 -7.50
N THR B 127 0.69 -28.16 -6.57
CA THR B 127 1.23 -29.48 -6.33
C THR B 127 0.13 -30.52 -6.38
N ASP B 128 0.47 -31.70 -6.89
CA ASP B 128 -0.48 -32.79 -7.01
C ASP B 128 -0.61 -33.54 -5.68
N GLU B 129 -1.29 -34.69 -5.72
CA GLU B 129 -1.49 -35.50 -4.53
C GLU B 129 -0.17 -36.06 -4.01
N ASN B 130 0.79 -36.31 -4.88
CA ASN B 130 2.08 -36.88 -4.50
C ASN B 130 3.14 -35.83 -4.18
N GLY B 131 2.75 -34.58 -3.99
CA GLY B 131 3.69 -33.52 -3.66
C GLY B 131 4.49 -32.98 -4.83
N LYS B 132 4.21 -33.43 -6.05
CA LYS B 132 4.93 -32.95 -7.23
C LYS B 132 4.28 -31.68 -7.76
N VAL B 133 5.11 -30.68 -8.08
CA VAL B 133 4.59 -29.47 -8.70
C VAL B 133 4.07 -29.80 -10.09
N ILE B 134 2.94 -29.19 -10.46
CA ILE B 134 2.20 -29.56 -11.66
C ILE B 134 2.58 -28.62 -12.80
N PHE B 135 3.10 -29.19 -13.88
CA PHE B 135 3.45 -28.43 -15.06
C PHE B 135 2.22 -28.16 -15.92
N ASP B 136 2.33 -27.16 -16.79
CA ASP B 136 1.34 -26.86 -17.82
C ASP B 136 2.08 -26.77 -19.15
N ILE B 137 1.37 -27.06 -20.24
CA ILE B 137 1.94 -26.94 -21.58
C ILE B 137 1.31 -25.71 -22.23
N VAL B 138 2.13 -24.69 -22.49
CA VAL B 138 1.65 -23.44 -23.08
C VAL B 138 2.61 -23.04 -24.18
N ASP B 139 2.06 -22.72 -25.35
CA ASP B 139 2.86 -22.15 -26.43
C ASP B 139 3.27 -20.74 -26.03
N LEU B 140 4.56 -20.56 -25.68
CA LEU B 140 5.00 -19.26 -25.18
C LEU B 140 4.95 -18.17 -26.24
N CYS B 141 4.80 -18.51 -27.52
CA CYS B 141 4.55 -17.47 -28.50
C CYS B 141 3.17 -16.85 -28.33
N THR B 142 2.20 -17.63 -27.84
CA THR B 142 0.90 -17.00 -27.57
C THR B 142 0.98 -16.17 -26.31
N THR B 143 1.78 -16.61 -25.33
CA THR B 143 2.03 -15.76 -24.17
C THR B 143 2.64 -14.44 -24.62
N TRP B 144 3.60 -14.51 -25.53
CA TRP B 144 4.28 -13.30 -25.99
C TRP B 144 3.32 -12.37 -26.71
N GLU B 145 2.41 -12.92 -27.52
CA GLU B 145 1.44 -12.08 -28.21
C GLU B 145 0.58 -11.33 -27.20
N ALA B 146 0.25 -11.97 -26.06
CA ALA B 146 -0.53 -11.29 -25.05
C ALA B 146 0.27 -10.21 -24.34
N MET B 147 1.58 -10.42 -24.17
CA MET B 147 2.47 -9.37 -23.66
C MET B 147 2.53 -8.18 -24.62
N GLU B 148 2.58 -8.47 -25.92
CA GLU B 148 2.61 -7.41 -26.92
C GLU B 148 1.36 -6.53 -26.83
N LYS B 149 0.20 -7.15 -26.62
CA LYS B 149 -1.03 -6.37 -26.45
C LYS B 149 -0.99 -5.50 -25.20
N CYS B 150 -0.32 -5.97 -24.15
CA CYS B 150 -0.13 -5.17 -22.93
C CYS B 150 0.73 -3.94 -23.22
N LYS B 151 1.72 -4.07 -24.10
CA LYS B 151 2.50 -2.90 -24.49
C LYS B 151 1.65 -1.95 -25.34
N ASP B 152 0.88 -2.50 -26.28
CA ASP B 152 0.04 -1.67 -27.14
C ASP B 152 -0.95 -0.87 -26.31
N ALA B 153 -1.45 -1.46 -25.23
CA ALA B 153 -2.40 -0.80 -24.35
C ALA B 153 -1.75 0.22 -23.41
N GLY B 154 -0.42 0.29 -23.39
CA GLY B 154 0.27 1.23 -22.53
C GLY B 154 0.44 0.77 -21.11
N LEU B 155 0.03 -0.46 -20.78
CA LEU B 155 0.16 -0.97 -19.42
C LEU B 155 1.60 -1.32 -19.10
N ALA B 156 2.38 -1.67 -20.12
CA ALA B 156 3.81 -1.95 -19.99
C ALA B 156 4.54 -1.12 -21.04
N LYS B 157 5.49 -0.29 -20.60
CA LYS B 157 6.26 0.48 -21.57
C LYS B 157 7.12 -0.42 -22.43
N SER B 158 7.70 -1.46 -21.83
CA SER B 158 8.56 -2.41 -22.51
C SER B 158 8.24 -3.80 -22.00
N ILE B 159 8.50 -4.81 -22.84
CA ILE B 159 8.28 -6.20 -22.47
C ILE B 159 9.54 -7.00 -22.74
N GLY B 160 9.77 -8.00 -21.90
CA GLY B 160 10.95 -8.83 -22.01
C GLY B 160 10.74 -10.18 -21.38
N VAL B 161 11.82 -10.95 -21.26
CA VAL B 161 11.73 -12.33 -20.75
C VAL B 161 12.82 -12.53 -19.70
N SER B 162 12.74 -13.68 -19.02
CA SER B 162 13.67 -14.02 -17.97
C SER B 162 13.85 -15.54 -17.96
N ASN B 163 15.09 -15.98 -17.72
CA ASN B 163 15.46 -17.39 -17.61
C ASN B 163 15.28 -18.13 -18.92
N PHE B 164 15.31 -17.42 -20.06
CA PHE B 164 15.25 -18.06 -21.37
C PHE B 164 16.66 -18.43 -21.80
N ASN B 165 16.78 -19.58 -22.47
CA ASN B 165 18.04 -19.89 -23.14
C ASN B 165 17.97 -19.41 -24.58
N ARG B 166 19.03 -19.65 -25.34
CA ARG B 166 19.09 -19.15 -26.71
C ARG B 166 17.95 -19.72 -27.56
N ARG B 167 17.70 -21.02 -27.44
CA ARG B 167 16.65 -21.65 -28.24
C ARG B 167 15.28 -21.06 -27.93
N GLN B 168 15.01 -20.78 -26.66
CA GLN B 168 13.75 -20.18 -26.28
C GLN B 168 13.64 -18.74 -26.77
N LEU B 169 14.74 -18.00 -26.76
CA LEU B 169 14.74 -16.65 -27.34
C LEU B 169 14.45 -16.71 -28.83
N GLU B 170 15.06 -17.65 -29.53
CA GLU B 170 14.86 -17.77 -30.97
C GLU B 170 13.40 -18.10 -31.28
N MET B 171 12.72 -18.82 -30.39
CA MET B 171 11.33 -19.17 -30.68
C MET B 171 10.47 -17.91 -30.71
N ILE B 172 10.74 -16.95 -29.81
CA ILE B 172 10.05 -15.67 -29.86
C ILE B 172 10.53 -14.87 -31.07
N LEU B 173 11.84 -14.82 -31.28
CA LEU B 173 12.38 -13.91 -32.28
C LEU B 173 11.98 -14.33 -33.68
N ASN B 174 11.74 -15.63 -33.88
CA ASN B 174 11.40 -16.18 -35.19
C ASN B 174 9.90 -16.35 -35.37
N LYS B 175 9.10 -15.90 -34.42
CA LYS B 175 7.66 -16.07 -34.49
C LYS B 175 7.10 -15.26 -35.65
N PRO B 176 6.26 -15.84 -36.51
CA PRO B 176 5.61 -15.04 -37.55
C PRO B 176 4.76 -13.93 -36.96
N GLY B 177 4.81 -12.76 -37.59
CA GLY B 177 4.03 -11.65 -37.11
C GLY B 177 4.53 -10.99 -35.86
N LEU B 178 5.79 -11.21 -35.48
CA LEU B 178 6.33 -10.60 -34.28
C LEU B 178 6.22 -9.07 -34.35
N LYS B 179 5.64 -8.47 -33.31
CA LYS B 179 5.50 -7.03 -33.24
C LYS B 179 6.63 -6.37 -32.45
N TYR B 180 6.99 -6.94 -31.30
CA TYR B 180 8.02 -6.38 -30.43
C TYR B 180 8.98 -7.48 -30.02
N LYS B 181 10.27 -7.26 -30.26
CA LYS B 181 11.25 -8.14 -29.67
C LYS B 181 11.25 -7.97 -28.16
N PRO B 182 11.68 -8.99 -27.42
CA PRO B 182 11.96 -8.76 -25.99
C PRO B 182 13.08 -7.76 -25.87
N VAL B 183 12.92 -6.79 -24.96
CA VAL B 183 14.00 -5.82 -24.74
C VAL B 183 15.13 -6.44 -23.94
N CYS B 184 14.85 -7.49 -23.17
CA CYS B 184 15.87 -8.03 -22.30
C CYS B 184 15.57 -9.49 -22.01
N ASN B 185 16.60 -10.13 -21.44
CA ASN B 185 16.53 -11.49 -20.91
C ASN B 185 17.22 -11.43 -19.57
N GLN B 186 16.45 -11.50 -18.49
CA GLN B 186 17.01 -11.43 -17.14
C GLN B 186 17.40 -12.83 -16.70
N VAL B 187 18.69 -13.03 -16.43
CA VAL B 187 19.21 -14.38 -16.18
C VAL B 187 20.25 -14.31 -15.06
N GLU B 188 20.52 -15.47 -14.46
CA GLU B 188 21.61 -15.55 -13.49
C GLU B 188 22.94 -15.25 -14.17
N CYS B 189 23.74 -14.36 -13.56
CA CYS B 189 24.98 -13.95 -14.21
C CYS B 189 25.90 -13.32 -13.17
N HIS B 190 27.11 -13.84 -13.08
CA HIS B 190 28.08 -13.42 -12.10
C HIS B 190 29.43 -14.01 -12.52
N PRO B 191 30.53 -13.65 -11.86
CA PRO B 191 31.84 -14.09 -12.37
C PRO B 191 32.01 -15.61 -12.40
N TYR B 192 31.25 -16.37 -11.63
CA TYR B 192 31.36 -17.83 -11.69
C TYR B 192 30.48 -18.44 -12.78
N PHE B 193 29.58 -17.66 -13.37
CA PHE B 193 28.66 -18.11 -14.42
C PHE B 193 28.36 -16.86 -15.24
N ASN B 194 29.27 -16.52 -16.14
CA ASN B 194 29.20 -15.17 -16.69
C ASN B 194 28.41 -15.07 -17.99
N ARG B 195 27.91 -16.20 -18.49
CA ARG B 195 26.99 -16.24 -19.63
C ARG B 195 27.59 -15.56 -20.85
N SER B 196 28.90 -15.75 -21.09
CA SER B 196 29.53 -15.02 -22.19
C SER B 196 28.89 -15.37 -23.53
N LYS B 197 28.53 -16.65 -23.74
CA LYS B 197 27.92 -17.04 -25.00
C LYS B 197 26.51 -16.47 -25.16
N LEU B 198 25.70 -16.56 -24.11
CA LEU B 198 24.36 -15.98 -24.17
C LEU B 198 24.43 -14.48 -24.33
N LEU B 199 25.38 -13.83 -23.63
CA LEU B 199 25.53 -12.39 -23.71
C LEU B 199 25.89 -11.98 -25.13
N ASP B 200 26.78 -12.75 -25.77
CA ASP B 200 27.13 -12.48 -27.15
C ASP B 200 25.91 -12.61 -28.05
N PHE B 201 25.11 -13.65 -27.82
CA PHE B 201 23.91 -13.85 -28.63
C PHE B 201 22.93 -12.69 -28.44
N CYS B 202 22.72 -12.26 -27.19
CA CYS B 202 21.78 -11.17 -26.94
C CYS B 202 22.22 -9.88 -27.60
N LYS B 203 23.52 -9.55 -27.49
CA LYS B 203 24.05 -8.37 -28.17
C LYS B 203 23.80 -8.44 -29.68
N SER B 204 23.95 -9.63 -30.28
CA SER B 204 23.70 -9.79 -31.71
C SER B 204 22.23 -9.55 -32.09
N LYS B 205 21.31 -9.63 -31.14
CA LYS B 205 19.89 -9.43 -31.39
C LYS B 205 19.34 -8.11 -30.83
N ASP B 206 20.20 -7.22 -30.34
CA ASP B 206 19.76 -5.98 -29.68
C ASP B 206 18.93 -6.27 -28.43
N ILE B 207 19.28 -7.32 -27.70
CA ILE B 207 18.60 -7.69 -26.46
C ILE B 207 19.55 -7.43 -25.29
N VAL B 208 19.08 -6.68 -24.28
CA VAL B 208 19.89 -6.45 -23.10
C VAL B 208 19.90 -7.69 -22.22
N LEU B 209 21.08 -8.09 -21.73
CA LEU B 209 21.15 -9.11 -20.70
C LEU B 209 21.10 -8.42 -19.34
N VAL B 210 20.19 -8.86 -18.46
CA VAL B 210 20.09 -8.32 -17.10
C VAL B 210 20.54 -9.40 -16.13
N ALA B 211 21.53 -9.10 -15.31
CA ALA B 211 22.09 -10.10 -14.41
C ALA B 211 21.37 -10.13 -13.07
N TYR B 212 20.95 -11.32 -12.65
CA TYR B 212 20.50 -11.49 -11.28
C TYR B 212 21.45 -12.43 -10.56
N SER B 213 21.36 -12.43 -9.23
CA SER B 213 22.28 -13.15 -8.37
C SER B 213 23.72 -12.75 -8.69
N ALA B 214 23.91 -11.49 -9.07
CA ALA B 214 25.22 -11.00 -9.46
C ALA B 214 26.18 -10.90 -8.30
N LEU B 215 25.68 -10.95 -7.07
CA LEU B 215 26.53 -10.98 -5.91
C LEU B 215 26.61 -12.37 -5.32
N GLY B 216 26.14 -13.37 -6.06
CA GLY B 216 26.28 -14.75 -5.65
C GLY B 216 25.05 -15.34 -5.01
N SER B 217 23.91 -14.65 -5.10
CA SER B 217 22.60 -15.07 -4.59
C SER B 217 22.49 -14.96 -3.08
N GLN B 218 21.26 -15.07 -2.57
CA GLN B 218 21.02 -15.00 -1.14
C GLN B 218 21.35 -16.33 -0.46
N ARG B 219 21.73 -17.34 -1.24
CA ARG B 219 22.18 -18.63 -0.71
C ARG B 219 21.13 -19.23 0.21
N ASP B 220 19.86 -19.10 -0.16
CA ASP B 220 18.78 -19.67 0.61
C ASP B 220 18.87 -21.19 0.54
N LYS B 221 18.78 -21.84 1.70
CA LYS B 221 19.07 -23.26 1.79
C LYS B 221 18.04 -24.12 1.06
N ARG B 222 16.88 -23.56 0.73
CA ARG B 222 15.87 -24.31 -0.01
C ARG B 222 16.16 -24.41 -1.51
N TRP B 223 17.01 -23.53 -2.05
CA TRP B 223 17.24 -23.44 -3.48
C TRP B 223 18.70 -23.34 -3.88
N VAL B 224 19.61 -23.17 -2.92
CA VAL B 224 21.04 -23.07 -3.18
C VAL B 224 21.73 -23.95 -2.13
N ASP B 225 22.68 -24.79 -2.59
CA ASP B 225 23.13 -25.62 -1.48
C ASP B 225 24.40 -25.08 -0.86
N PRO B 226 24.58 -25.29 0.46
CA PRO B 226 25.61 -24.52 1.18
C PRO B 226 27.03 -24.82 0.79
N ASN B 227 27.32 -26.02 0.26
CA ASN B 227 28.69 -26.31 -0.14
C ASN B 227 29.13 -25.58 -1.39
N SER B 228 28.20 -24.91 -2.08
CA SER B 228 28.57 -24.10 -3.23
C SER B 228 29.49 -22.96 -2.77
N PRO B 229 30.52 -22.62 -3.55
CA PRO B 229 31.45 -21.57 -3.11
C PRO B 229 30.78 -20.21 -3.07
N VAL B 230 31.21 -19.41 -2.10
CA VAL B 230 30.67 -18.07 -1.90
C VAL B 230 31.37 -17.12 -2.85
N LEU B 231 30.59 -16.52 -3.77
CA LEU B 231 31.19 -15.66 -4.78
C LEU B 231 31.98 -14.52 -4.14
N LEU B 232 31.43 -13.90 -3.10
CA LEU B 232 32.05 -12.71 -2.55
C LEU B 232 33.33 -12.99 -1.77
N GLU B 233 33.66 -14.26 -1.54
CA GLU B 233 34.92 -14.62 -0.90
C GLU B 233 35.98 -15.06 -1.90
N ASP B 234 35.77 -14.81 -3.18
CA ASP B 234 36.72 -15.23 -4.21
C ASP B 234 38.03 -14.46 -4.08
N PRO B 235 39.17 -15.14 -4.13
CA PRO B 235 40.46 -14.44 -3.95
C PRO B 235 40.73 -13.37 -5.00
N VAL B 236 40.34 -13.60 -6.25
CA VAL B 236 40.60 -12.61 -7.29
C VAL B 236 39.75 -11.36 -7.05
N LEU B 237 38.46 -11.55 -6.77
CA LEU B 237 37.60 -10.42 -6.43
C LEU B 237 38.15 -9.66 -5.24
N CYS B 238 38.58 -10.36 -4.20
CA CYS B 238 39.11 -9.70 -3.02
C CYS B 238 40.41 -8.96 -3.33
N ALA B 239 41.29 -9.57 -4.13
CA ALA B 239 42.51 -8.86 -4.54
C ALA B 239 42.16 -7.59 -5.31
N LEU B 240 41.20 -7.66 -6.24
CA LEU B 240 40.82 -6.47 -6.98
C LEU B 240 40.17 -5.44 -6.06
N ALA B 241 39.40 -5.90 -5.07
CA ALA B 241 38.80 -4.96 -4.13
C ALA B 241 39.86 -4.22 -3.34
N LYS B 242 40.93 -4.92 -2.94
CA LYS B 242 42.05 -4.27 -2.25
C LYS B 242 42.75 -3.29 -3.18
N LYS B 243 42.91 -3.65 -4.45
CA LYS B 243 43.57 -2.78 -5.41
C LYS B 243 42.83 -1.45 -5.57
N HIS B 244 41.51 -1.51 -5.74
CA HIS B 244 40.73 -0.31 -6.01
C HIS B 244 40.15 0.34 -4.76
N LYS B 245 40.47 -0.17 -3.56
CA LYS B 245 39.93 0.39 -2.31
C LYS B 245 38.39 0.28 -2.34
N ARG B 246 37.90 -0.81 -2.91
CA ARG B 246 36.47 -1.09 -3.02
C ARG B 246 36.15 -2.37 -2.24
N THR B 247 34.97 -2.93 -2.46
CA THR B 247 34.58 -4.20 -1.87
C THR B 247 34.44 -5.24 -2.96
N PRO B 248 34.46 -6.54 -2.61
CA PRO B 248 34.21 -7.55 -3.65
C PRO B 248 32.86 -7.39 -4.33
N ALA B 249 31.82 -7.00 -3.58
CA ALA B 249 30.52 -6.78 -4.20
C ALA B 249 30.61 -5.70 -5.26
N LEU B 250 31.33 -4.61 -4.96
CA LEU B 250 31.46 -3.54 -5.93
C LEU B 250 32.23 -4.00 -7.16
N ILE B 251 33.24 -4.85 -6.98
CA ILE B 251 33.96 -5.37 -8.14
C ILE B 251 33.04 -6.21 -9.01
N ALA B 252 32.18 -7.02 -8.39
CA ALA B 252 31.31 -7.91 -9.16
C ALA B 252 30.25 -7.13 -9.93
N LEU B 253 29.75 -6.05 -9.33
CA LEU B 253 28.79 -5.20 -10.05
C LEU B 253 29.48 -4.41 -11.17
N ARG B 254 30.65 -3.84 -10.91
CA ARG B 254 31.33 -3.07 -11.93
C ARG B 254 31.72 -3.95 -13.11
N TYR B 255 32.10 -5.20 -12.84
CA TYR B 255 32.37 -6.16 -13.90
C TYR B 255 31.23 -6.22 -14.91
N GLN B 256 29.98 -6.29 -14.41
CA GLN B 256 28.85 -6.40 -15.34
C GLN B 256 28.65 -5.12 -16.12
N LEU B 257 28.75 -3.97 -15.45
CA LEU B 257 28.54 -2.70 -16.15
C LEU B 257 29.50 -2.56 -17.33
N GLN B 258 30.77 -2.95 -17.15
CA GLN B 258 31.76 -2.71 -18.19
C GLN B 258 31.67 -3.71 -19.33
N ARG B 259 30.92 -4.81 -19.17
CA ARG B 259 30.73 -5.72 -20.29
C ARG B 259 29.36 -5.54 -20.94
N GLY B 260 28.65 -4.47 -20.59
CA GLY B 260 27.39 -4.16 -21.24
C GLY B 260 26.19 -4.85 -20.65
N VAL B 261 26.32 -5.37 -19.42
CA VAL B 261 25.25 -6.07 -18.73
C VAL B 261 24.60 -5.11 -17.74
N VAL B 262 23.26 -5.08 -17.73
CA VAL B 262 22.52 -4.37 -16.70
C VAL B 262 22.49 -5.25 -15.48
N VAL B 263 22.78 -4.69 -14.30
CA VAL B 263 23.04 -5.52 -13.13
C VAL B 263 22.03 -5.17 -12.03
N LEU B 264 21.48 -6.20 -11.40
CA LEU B 264 20.63 -6.04 -10.23
C LEU B 264 21.48 -6.30 -8.99
N ALA B 265 21.04 -5.74 -7.88
CA ALA B 265 21.70 -5.94 -6.60
C ALA B 265 20.63 -5.89 -5.51
N LYS B 266 20.44 -7.00 -4.82
CA LYS B 266 19.51 -7.00 -3.70
C LYS B 266 20.28 -6.73 -2.42
N SER B 267 19.77 -5.80 -1.63
CA SER B 267 20.20 -5.69 -0.24
C SER B 267 19.05 -5.15 0.58
N TYR B 268 18.84 -5.74 1.75
CA TYR B 268 17.90 -5.21 2.73
C TYR B 268 18.64 -4.57 3.89
N ASN B 269 19.91 -4.25 3.71
CA ASN B 269 20.73 -3.59 4.70
C ASN B 269 21.04 -2.18 4.25
N GLU B 270 20.72 -1.18 5.08
CA GLU B 270 20.84 0.21 4.61
C GLU B 270 22.25 0.54 4.18
N GLN B 271 23.25 0.06 4.94
CA GLN B 271 24.62 0.40 4.61
C GLN B 271 25.05 -0.24 3.28
N ARG B 272 24.65 -1.49 3.04
CA ARG B 272 25.07 -2.11 1.80
C ARG B 272 24.29 -1.57 0.61
N ILE B 273 23.03 -1.18 0.82
CA ILE B 273 22.28 -0.49 -0.22
C ILE B 273 23.03 0.75 -0.67
N ARG B 274 23.48 1.55 0.29
CA ARG B 274 24.19 2.78 -0.06
C ARG B 274 25.57 2.49 -0.62
N GLN B 275 26.22 1.41 -0.17
CA GLN B 275 27.51 1.06 -0.74
C GLN B 275 27.39 0.71 -2.22
N ASN B 276 26.30 0.05 -2.60
CA ASN B 276 26.27 -0.55 -3.94
C ASN B 276 26.19 0.51 -5.04
N VAL B 277 25.65 1.70 -4.73
CA VAL B 277 25.62 2.76 -5.73
C VAL B 277 27.01 3.34 -5.98
N GLN B 278 27.98 2.94 -5.19
CA GLN B 278 29.33 3.42 -5.45
C GLN B 278 29.96 2.72 -6.67
N VAL B 279 29.26 1.75 -7.23
CA VAL B 279 29.77 1.12 -8.44
C VAL B 279 30.07 2.13 -9.54
N PHE B 280 29.43 3.29 -9.51
CA PHE B 280 29.68 4.30 -10.53
C PHE B 280 30.91 5.14 -10.25
N GLU B 281 31.60 4.92 -9.13
CA GLU B 281 32.66 5.84 -8.74
C GLU B 281 34.03 5.41 -9.23
N PHE B 282 34.17 4.23 -9.84
CA PHE B 282 35.48 3.75 -10.24
C PHE B 282 35.35 2.88 -11.47
N GLN B 283 36.48 2.55 -12.06
CA GLN B 283 36.48 1.67 -13.22
C GLN B 283 37.57 0.62 -13.07
N LEU B 284 37.29 -0.55 -13.66
CA LEU B 284 38.25 -1.64 -13.74
C LEU B 284 39.05 -1.52 -15.03
N THR B 285 40.31 -1.94 -14.98
CA THR B 285 41.10 -1.90 -16.20
C THR B 285 40.72 -3.06 -17.11
N ALA B 286 41.18 -2.98 -18.36
CA ALA B 286 41.00 -4.11 -19.27
C ALA B 286 41.61 -5.37 -18.69
N GLU B 287 42.81 -5.23 -18.09
CA GLU B 287 43.45 -6.37 -17.46
C GLU B 287 42.61 -6.91 -16.30
N ASP B 288 42.00 -6.00 -15.52
CA ASP B 288 41.12 -6.41 -14.43
C ASP B 288 39.95 -7.24 -14.96
N MET B 289 39.33 -6.80 -16.06
CA MET B 289 38.18 -7.54 -16.56
C MET B 289 38.56 -8.92 -17.05
N LYS B 290 39.73 -9.06 -17.67
CA LYS B 290 40.17 -10.38 -18.08
C LYS B 290 40.39 -11.30 -16.88
N ALA B 291 40.87 -10.76 -15.76
CA ALA B 291 41.03 -11.55 -14.56
C ALA B 291 39.68 -12.06 -14.05
N ILE B 292 38.66 -11.19 -14.04
CA ILE B 292 37.34 -11.65 -13.64
C ILE B 292 36.77 -12.62 -14.67
N ASP B 293 37.00 -12.36 -15.96
CA ASP B 293 36.59 -13.32 -16.99
C ASP B 293 37.13 -14.72 -16.71
N GLY B 294 38.32 -14.82 -16.11
CA GLY B 294 38.94 -16.09 -15.85
C GLY B 294 38.35 -16.89 -14.70
N LEU B 295 37.38 -16.34 -13.97
CA LEU B 295 36.75 -17.05 -12.87
C LEU B 295 35.57 -17.91 -13.30
N ASP B 296 35.18 -17.85 -14.57
CA ASP B 296 34.00 -18.55 -15.04
C ASP B 296 34.16 -20.06 -14.81
N ARG B 297 33.17 -20.66 -14.15
CA ARG B 297 33.22 -22.09 -13.87
C ARG B 297 31.84 -22.73 -13.98
N ASN B 298 30.95 -22.11 -14.75
CA ASN B 298 29.61 -22.65 -15.03
C ASN B 298 28.88 -23.07 -13.75
N LEU B 299 28.91 -22.20 -12.75
CA LEU B 299 28.30 -22.51 -11.45
C LEU B 299 26.92 -21.86 -11.37
N HIS B 300 25.88 -22.70 -11.32
CA HIS B 300 24.51 -22.21 -11.18
C HIS B 300 24.14 -22.21 -9.70
N TYR B 301 23.87 -21.02 -9.15
CA TYR B 301 23.28 -20.97 -7.81
C TYR B 301 21.82 -21.37 -7.83
N PHE B 302 21.08 -20.91 -8.84
CA PHE B 302 19.69 -21.27 -9.05
C PHE B 302 19.64 -22.36 -10.11
N ASN B 303 19.95 -23.57 -9.67
CA ASN B 303 19.84 -24.75 -10.52
C ASN B 303 18.59 -25.48 -10.07
N SER B 304 17.48 -25.21 -10.75
CA SER B 304 16.18 -25.75 -10.36
C SER B 304 16.18 -27.24 -10.70
N ASP B 305 16.83 -28.02 -9.82
CA ASP B 305 17.05 -29.43 -10.09
C ASP B 305 15.73 -30.20 -10.17
N SER B 306 14.79 -29.91 -9.27
CA SER B 306 13.51 -30.60 -9.30
C SER B 306 12.66 -30.20 -10.48
N PHE B 307 13.13 -29.28 -11.32
CA PHE B 307 12.44 -28.90 -12.55
C PHE B 307 13.16 -29.39 -13.80
N ALA B 308 14.17 -30.24 -13.65
CA ALA B 308 14.98 -30.66 -14.79
C ALA B 308 14.17 -31.43 -15.83
N SER B 309 13.06 -32.05 -15.43
CA SER B 309 12.22 -32.77 -16.36
C SER B 309 11.18 -31.89 -17.05
N HIS B 310 11.06 -30.62 -16.65
CA HIS B 310 10.13 -29.74 -17.33
C HIS B 310 10.58 -29.57 -18.77
N PRO B 311 9.65 -29.63 -19.74
CA PRO B 311 10.07 -29.54 -21.15
C PRO B 311 10.82 -28.26 -21.47
N ASN B 312 10.51 -27.16 -20.78
CA ASN B 312 11.14 -25.87 -21.01
C ASN B 312 12.27 -25.58 -20.04
N TYR B 313 12.78 -26.60 -19.35
CA TYR B 313 13.96 -26.40 -18.51
C TYR B 313 15.07 -25.74 -19.32
N PRO B 314 15.48 -24.52 -18.97
CA PRO B 314 16.41 -23.77 -19.83
C PRO B 314 17.84 -24.29 -19.83
N TYR B 315 18.24 -25.08 -18.83
CA TYR B 315 19.61 -25.57 -18.78
C TYR B 315 19.76 -26.97 -19.38
N SER B 316 18.83 -27.36 -20.25
CA SER B 316 19.03 -28.56 -21.07
C SER B 316 19.97 -28.30 -22.24
N ASP B 317 20.13 -27.04 -22.64
CA ASP B 317 21.10 -26.61 -23.63
C ASP B 317 22.28 -25.94 -22.91
N GLU B 318 23.44 -25.89 -23.58
CA GLU B 318 24.58 -25.24 -22.97
C GLU B 318 24.28 -23.78 -22.67
N TYR B 319 23.81 -23.03 -23.67
CA TYR B 319 23.42 -21.65 -23.48
C TYR B 319 22.19 -21.33 -24.30
#